data_8TFV
#
_entry.id   8TFV
#
_cell.length_a   1.000
_cell.length_b   1.000
_cell.length_c   1.000
_cell.angle_alpha   90.00
_cell.angle_beta   90.00
_cell.angle_gamma   90.00
#
_symmetry.space_group_name_H-M   'P 1'
#
_entity_poly.entity_id   1
_entity_poly.type   'polypeptide(L)'
_entity_poly.pdbx_seq_one_letter_code
;GSKKPVPIIYCNRRTGKCQRM
;
_entity_poly.pdbx_strand_id   A
#
# COMPACT_ATOMS: atom_id res chain seq x y z
N GLY A 1 10.58 -0.60 -0.06
CA GLY A 1 9.11 -0.31 0.04
C GLY A 1 8.77 0.52 -1.19
N SER A 2 7.55 0.94 -1.34
CA SER A 2 7.14 1.76 -2.51
C SER A 2 6.75 3.19 -2.07
N LYS A 3 5.61 3.26 -1.41
CA LYS A 3 5.08 4.55 -0.90
C LYS A 3 5.03 4.50 0.63
N LYS A 4 5.21 5.62 1.27
CA LYS A 4 5.18 5.70 2.76
C LYS A 4 4.11 6.73 3.18
N PRO A 5 2.99 6.29 3.67
CA PRO A 5 2.01 7.18 4.35
C PRO A 5 2.72 8.08 5.37
N VAL A 6 2.31 9.32 5.42
CA VAL A 6 2.92 10.29 6.37
C VAL A 6 1.75 10.90 7.18
N PRO A 7 2.00 11.20 8.44
CA PRO A 7 1.08 12.02 9.28
C PRO A 7 1.13 13.50 8.86
N ILE A 8 0.53 14.36 9.65
CA ILE A 8 0.53 15.80 9.32
C ILE A 8 1.78 16.37 9.94
N ILE A 9 2.31 17.41 9.38
CA ILE A 9 3.52 18.01 9.95
C ILE A 9 2.96 19.22 10.64
N TYR A 10 3.59 19.47 11.72
CA TYR A 10 3.23 20.61 12.56
C TYR A 10 4.55 21.29 12.82
N CYS A 11 4.77 22.38 12.15
CA CYS A 11 6.03 23.11 12.33
C CYS A 11 5.74 24.51 12.83
N ASN A 12 6.44 24.91 13.85
CA ASN A 12 6.22 26.28 14.38
C ASN A 12 7.45 27.06 14.00
N ARG A 13 7.49 27.27 12.71
CA ARG A 13 8.57 28.02 12.02
C ARG A 13 9.12 29.12 12.95
N ARG A 14 8.18 29.76 13.60
CA ARG A 14 8.43 30.86 14.58
C ARG A 14 9.51 30.44 15.58
N THR A 15 9.29 29.36 16.27
CA THR A 15 10.30 28.88 17.26
C THR A 15 10.93 27.66 16.60
N GLY A 16 11.04 27.81 15.30
CA GLY A 16 11.61 26.81 14.36
C GLY A 16 11.72 25.40 14.87
N LYS A 17 10.59 24.87 15.23
CA LYS A 17 10.63 23.49 15.74
C LYS A 17 9.40 22.82 15.16
N CYS A 18 9.64 21.72 14.53
CA CYS A 18 8.55 20.95 13.91
C CYS A 18 8.52 19.54 14.47
N GLN A 19 7.36 19.00 14.26
CA GLN A 19 7.01 17.61 14.68
C GLN A 19 5.84 17.17 13.80
N ARG A 20 5.21 16.10 14.19
CA ARG A 20 4.08 15.55 13.47
C ARG A 20 2.83 15.68 14.33
N MET A 21 1.76 15.81 13.62
CA MET A 21 0.38 15.94 14.17
C MET A 21 -0.57 15.13 13.26
N GLY A 1 10.60 -0.20 -4.38
CA GLY A 1 9.92 -1.53 -4.23
C GLY A 1 8.43 -1.26 -4.44
N SER A 2 7.58 -2.24 -4.26
CA SER A 2 6.12 -2.02 -4.46
C SER A 2 5.47 -1.79 -3.08
N LYS A 3 5.31 -2.87 -2.37
CA LYS A 3 4.70 -2.82 -1.01
C LYS A 3 5.37 -3.86 -0.09
N LYS A 4 5.01 -3.78 1.16
CA LYS A 4 5.55 -4.72 2.18
C LYS A 4 4.37 -5.26 3.00
N PRO A 5 3.69 -6.25 2.47
CA PRO A 5 2.44 -6.75 3.09
C PRO A 5 2.86 -7.73 4.19
N VAL A 6 2.30 -7.56 5.36
CA VAL A 6 2.63 -8.45 6.51
C VAL A 6 1.29 -8.98 7.02
N PRO A 7 1.30 -10.15 7.61
CA PRO A 7 0.17 -10.66 8.43
C PRO A 7 0.13 -9.96 9.80
N ILE A 8 -0.67 -10.49 10.69
CA ILE A 8 -0.82 -9.91 12.05
C ILE A 8 0.04 -10.71 13.02
N ILE A 9 1.02 -10.11 13.61
CA ILE A 9 1.81 -10.92 14.55
C ILE A 9 0.97 -10.87 15.81
N TYR A 10 1.00 -12.01 16.40
CA TYR A 10 0.26 -12.28 17.64
C TYR A 10 1.25 -12.83 18.65
N CYS A 11 1.92 -12.00 19.40
CA CYS A 11 2.88 -12.54 20.38
C CYS A 11 2.31 -12.50 21.77
N ASN A 12 2.31 -13.64 22.40
CA ASN A 12 1.78 -13.72 23.77
C ASN A 12 2.97 -13.76 24.70
N ARG A 13 3.62 -12.63 24.70
CA ARG A 13 4.84 -12.42 25.54
C ARG A 13 4.69 -13.17 26.88
N ARG A 14 3.49 -13.10 27.40
CA ARG A 14 3.13 -13.77 28.69
C ARG A 14 3.69 -15.20 28.70
N THR A 15 3.38 -15.96 27.69
CA THR A 15 3.88 -17.36 27.60
C THR A 15 4.85 -17.35 26.41
N GLY A 16 5.51 -16.23 26.29
CA GLY A 16 6.51 -15.90 25.24
C GLY A 16 6.44 -16.78 24.02
N LYS A 17 5.29 -16.74 23.41
CA LYS A 17 5.10 -17.57 22.20
C LYS A 17 4.37 -16.65 21.24
N CYS A 18 4.96 -16.51 20.09
CA CYS A 18 4.36 -15.65 19.03
C CYS A 18 4.22 -16.44 17.76
N GLN A 19 3.48 -15.83 16.89
CA GLN A 19 3.20 -16.41 15.55
C GLN A 19 2.54 -15.25 14.82
N ARG A 20 2.27 -15.49 13.58
CA ARG A 20 1.64 -14.53 12.72
C ARG A 20 0.38 -15.18 12.20
N MET A 21 -0.67 -14.45 12.34
CA MET A 21 -2.02 -14.92 11.89
C MET A 21 -2.55 -14.02 10.75
N GLY A 1 11.37 9.19 -0.81
CA GLY A 1 11.15 9.33 0.65
C GLY A 1 10.16 8.24 0.99
N SER A 2 10.65 7.02 0.98
CA SER A 2 9.83 5.80 1.27
C SER A 2 9.04 5.49 -0.01
N LYS A 3 8.39 4.35 -0.02
CA LYS A 3 7.57 3.88 -1.19
C LYS A 3 8.60 3.48 -2.27
N LYS A 4 8.22 2.77 -3.29
CA LYS A 4 9.22 2.38 -4.33
C LYS A 4 8.71 2.60 -5.76
N PRO A 5 8.80 3.81 -6.26
CA PRO A 5 8.05 4.26 -7.48
C PRO A 5 8.69 3.78 -8.81
N VAL A 6 8.87 2.48 -8.91
CA VAL A 6 9.47 1.80 -10.12
C VAL A 6 9.52 2.66 -11.43
N PRO A 7 10.58 3.41 -11.62
CA PRO A 7 10.84 4.17 -12.87
C PRO A 7 11.57 3.31 -13.92
N ILE A 8 11.80 3.85 -15.09
CA ILE A 8 12.49 3.07 -16.17
C ILE A 8 13.98 3.32 -16.37
N ILE A 9 14.77 2.28 -16.42
CA ILE A 9 16.21 2.51 -16.65
C ILE A 9 16.14 2.37 -18.15
N TYR A 10 16.92 3.23 -18.71
CA TYR A 10 17.05 3.35 -20.17
C TYR A 10 18.47 3.04 -20.63
N CYS A 11 18.76 1.80 -20.86
CA CYS A 11 20.13 1.48 -21.29
C CYS A 11 20.30 1.35 -22.79
N ASN A 12 21.43 1.85 -23.20
CA ASN A 12 21.84 1.85 -24.61
C ASN A 12 23.00 0.87 -24.50
N ARG A 13 22.62 -0.34 -24.18
CA ARG A 13 23.65 -1.41 -24.04
C ARG A 13 24.51 -1.39 -25.30
N ARG A 14 23.84 -1.01 -26.36
CA ARG A 14 24.47 -0.89 -27.71
C ARG A 14 25.84 -0.24 -27.54
N THR A 15 25.86 0.87 -26.84
CA THR A 15 27.15 1.58 -26.62
C THR A 15 27.34 1.67 -25.09
N GLY A 16 26.95 0.60 -24.45
CA GLY A 16 27.03 0.43 -22.96
C GLY A 16 26.91 1.74 -22.21
N LYS A 17 25.86 2.44 -22.53
CA LYS A 17 25.59 3.75 -21.89
C LYS A 17 24.13 3.72 -21.51
N CYS A 18 23.87 3.84 -20.24
CA CYS A 18 22.47 3.83 -19.77
C CYS A 18 22.17 5.14 -19.10
N GLN A 19 20.90 5.36 -19.05
CA GLN A 19 20.33 6.60 -18.44
C GLN A 19 19.00 6.22 -17.77
N ARG A 20 18.29 7.21 -17.29
CA ARG A 20 17.02 6.99 -16.63
C ARG A 20 15.80 7.85 -16.99
N MET A 21 14.74 7.11 -16.85
CA MET A 21 13.32 7.45 -17.03
C MET A 21 12.72 6.78 -15.75
N GLY A 1 2.96 1.95 3.85
CA GLY A 1 2.46 1.56 2.50
C GLY A 1 1.12 2.29 2.32
N SER A 2 0.48 2.09 1.21
CA SER A 2 -0.82 2.75 0.92
C SER A 2 -1.90 1.66 0.96
N LYS A 3 -3.12 2.02 0.67
CA LYS A 3 -4.24 1.03 0.67
C LYS A 3 -4.91 1.21 -0.69
N LYS A 4 -5.47 0.16 -1.24
CA LYS A 4 -6.13 0.25 -2.57
C LYS A 4 -7.46 -0.51 -2.48
N PRO A 5 -8.46 0.13 -1.94
CA PRO A 5 -9.84 -0.43 -1.82
C PRO A 5 -10.37 -0.97 -3.15
N VAL A 6 -9.84 -0.37 -4.18
CA VAL A 6 -10.22 -0.76 -5.58
C VAL A 6 -9.04 -1.41 -6.32
N PRO A 7 -9.10 -2.72 -6.46
CA PRO A 7 -8.28 -3.47 -7.46
C PRO A 7 -8.48 -2.98 -8.89
N ILE A 8 -7.94 -3.72 -9.81
CA ILE A 8 -8.06 -3.37 -11.25
C ILE A 8 -9.08 -4.26 -11.88
N ILE A 9 -10.28 -3.75 -12.01
CA ILE A 9 -11.28 -4.63 -12.64
C ILE A 9 -10.83 -4.55 -14.09
N TYR A 10 -10.89 -5.71 -14.62
CA TYR A 10 -10.48 -5.97 -16.00
C TYR A 10 -11.67 -6.57 -16.70
N CYS A 11 -12.39 -5.73 -17.38
CA CYS A 11 -13.57 -6.22 -18.09
C CYS A 11 -13.29 -6.24 -19.57
N ASN A 12 -13.60 -7.38 -20.12
CA ASN A 12 -13.43 -7.63 -21.55
C ASN A 12 -14.81 -7.47 -22.11
N ARG A 13 -15.37 -6.32 -21.86
CA ARG A 13 -16.75 -5.99 -22.35
C ARG A 13 -17.00 -6.61 -23.74
N ARG A 14 -15.94 -6.62 -24.52
CA ARG A 14 -15.98 -7.18 -25.90
C ARG A 14 -16.70 -8.55 -25.87
N THR A 15 -16.29 -9.42 -24.99
CA THR A 15 -16.92 -10.78 -24.87
C THR A 15 -17.65 -10.79 -23.51
N GLY A 16 -18.07 -9.59 -23.16
CA GLY A 16 -18.80 -9.27 -21.90
C GLY A 16 -18.43 -10.18 -20.77
N LYS A 17 -17.18 -10.14 -20.45
CA LYS A 17 -16.73 -10.99 -19.35
C LYS A 17 -15.73 -10.15 -18.60
N CYS A 18 -15.98 -9.99 -17.34
CA CYS A 18 -15.06 -9.18 -16.51
C CYS A 18 -14.68 -10.00 -15.32
N GLN A 19 -13.51 -9.65 -14.93
CA GLN A 19 -12.80 -10.25 -13.76
C GLN A 19 -11.98 -9.10 -13.19
N ARG A 20 -11.27 -9.30 -12.11
CA ARG A 20 -10.47 -8.26 -11.52
C ARG A 20 -9.09 -8.81 -11.24
N MET A 21 -8.16 -7.92 -11.33
CA MET A 21 -6.73 -8.26 -11.09
C MET A 21 -6.19 -7.28 -10.03
N GLY A 1 10.04 2.82 -0.25
CA GLY A 1 8.96 2.29 0.63
C GLY A 1 9.02 2.99 2.00
N SER A 2 8.36 4.12 2.15
CA SER A 2 8.38 4.85 3.46
C SER A 2 6.95 5.00 3.96
N LYS A 3 6.13 5.59 3.14
CA LYS A 3 4.68 5.81 3.47
C LYS A 3 3.93 5.09 2.34
N LYS A 4 2.64 5.14 2.39
CA LYS A 4 1.81 4.48 1.34
C LYS A 4 2.07 5.13 -0.03
N PRO A 5 1.68 4.45 -1.07
CA PRO A 5 1.69 5.03 -2.44
C PRO A 5 0.70 6.21 -2.63
N VAL A 6 0.72 6.70 -3.85
CA VAL A 6 -0.13 7.84 -4.31
C VAL A 6 -1.00 7.30 -5.47
N PRO A 7 -2.23 6.93 -5.17
CA PRO A 7 -3.23 6.57 -6.21
C PRO A 7 -3.41 7.62 -7.32
N ILE A 8 -4.13 7.22 -8.32
CA ILE A 8 -4.41 8.09 -9.48
C ILE A 8 -5.72 8.74 -9.21
N ILE A 9 -5.71 9.96 -8.74
CA ILE A 9 -7.02 10.57 -8.51
C ILE A 9 -7.54 10.77 -9.91
N TYR A 10 -8.80 10.49 -9.95
CA TYR A 10 -9.54 10.58 -11.20
C TYR A 10 -10.70 11.47 -10.83
N CYS A 11 -10.81 12.57 -11.53
CA CYS A 11 -11.91 13.49 -11.25
C CYS A 11 -12.64 13.76 -12.54
N ASN A 12 -13.94 13.65 -12.47
CA ASN A 12 -14.78 13.89 -13.67
C ASN A 12 -15.43 15.23 -13.44
N ARG A 13 -14.53 16.18 -13.52
CA ARG A 13 -14.84 17.63 -13.34
C ARG A 13 -16.20 18.00 -13.93
N ARG A 14 -16.50 17.43 -15.08
CA ARG A 14 -17.81 17.68 -15.77
C ARG A 14 -18.95 17.55 -14.74
N THR A 15 -18.87 16.50 -13.97
CA THR A 15 -19.89 16.21 -12.91
C THR A 15 -19.28 16.53 -11.53
N GLY A 16 -18.13 17.14 -11.59
CA GLY A 16 -17.34 17.55 -10.38
C GLY A 16 -17.36 16.45 -9.34
N LYS A 17 -16.96 15.29 -9.79
CA LYS A 17 -16.92 14.12 -8.88
C LYS A 17 -15.60 13.41 -9.05
N CYS A 18 -14.91 13.31 -7.96
CA CYS A 18 -13.59 12.65 -7.93
C CYS A 18 -13.64 11.35 -7.10
N GLN A 19 -12.75 10.51 -7.50
CA GLN A 19 -12.51 9.17 -6.92
C GLN A 19 -11.04 8.91 -7.21
N ARG A 20 -10.49 7.83 -6.72
CA ARG A 20 -9.11 7.51 -6.95
C ARG A 20 -9.01 6.09 -7.48
N MET A 21 -8.13 5.94 -8.41
CA MET A 21 -7.91 4.59 -9.05
C MET A 21 -6.50 4.05 -8.70
N GLY A 1 6.11 7.70 6.08
CA GLY A 1 6.05 6.33 5.47
C GLY A 1 4.61 5.86 5.63
N SER A 2 4.28 4.67 5.22
CA SER A 2 2.89 4.14 5.34
C SER A 2 2.92 2.75 6.00
N LYS A 3 1.79 2.11 5.98
CA LYS A 3 1.59 0.74 6.57
C LYS A 3 0.84 -0.12 5.52
N LYS A 4 0.51 -1.35 5.85
CA LYS A 4 -0.21 -2.24 4.90
C LYS A 4 -1.54 -2.69 5.54
N PRO A 5 -2.52 -3.00 4.70
CA PRO A 5 -3.89 -3.36 5.15
C PRO A 5 -4.05 -4.64 6.00
N VAL A 6 -5.29 -4.86 6.37
CA VAL A 6 -5.66 -6.05 7.21
C VAL A 6 -6.41 -7.02 6.27
N PRO A 7 -5.87 -8.19 6.07
CA PRO A 7 -6.61 -9.38 5.58
C PRO A 7 -7.21 -10.13 6.78
N ILE A 8 -7.66 -11.34 6.57
CA ILE A 8 -8.25 -12.11 7.68
C ILE A 8 -7.24 -13.05 8.28
N ILE A 9 -7.20 -13.15 9.57
CA ILE A 9 -6.23 -14.10 10.15
C ILE A 9 -7.14 -15.30 10.23
N TYR A 10 -6.52 -16.35 9.84
CA TYR A 10 -7.18 -17.66 9.80
C TYR A 10 -6.32 -18.55 10.66
N CYS A 11 -6.65 -18.68 11.92
CA CYS A 11 -5.81 -19.54 12.76
C CYS A 11 -6.45 -20.90 12.90
N ASN A 12 -5.60 -21.87 12.69
CA ASN A 12 -6.01 -23.28 12.76
C ASN A 12 -5.52 -23.74 14.11
N ARG A 13 -6.11 -23.10 15.07
CA ARG A 13 -5.83 -23.37 16.51
C ARG A 13 -5.56 -24.85 16.75
N ARG A 14 -6.42 -25.62 16.15
CA ARG A 14 -6.37 -27.11 16.23
C ARG A 14 -4.96 -27.66 16.01
N THR A 15 -4.32 -27.19 14.98
CA THR A 15 -2.93 -27.67 14.69
C THR A 15 -2.04 -26.44 14.82
N GLY A 16 -2.44 -25.63 15.78
CA GLY A 16 -1.79 -24.35 16.16
C GLY A 16 -0.97 -23.75 15.05
N LYS A 17 -1.62 -23.57 13.93
CA LYS A 17 -0.93 -22.99 12.77
C LYS A 17 -1.90 -21.97 12.24
N CYS A 18 -1.46 -20.75 12.17
CA CYS A 18 -2.30 -19.65 11.65
C CYS A 18 -1.62 -19.04 10.43
N GLN A 19 -2.31 -18.10 9.88
CA GLN A 19 -1.81 -17.36 8.65
C GLN A 19 -2.88 -16.34 8.26
N ARG A 20 -2.58 -15.58 7.24
CA ARG A 20 -3.47 -14.56 6.70
C ARG A 20 -4.13 -15.15 5.46
N MET A 21 -5.41 -15.02 5.47
CA MET A 21 -6.31 -15.50 4.39
C MET A 21 -7.27 -14.35 3.97
N GLY A 1 10.16 -13.60 3.79
CA GLY A 1 11.06 -12.75 4.64
C GLY A 1 11.26 -11.54 3.76
N SER A 2 10.23 -10.76 3.60
CA SER A 2 10.33 -9.56 2.73
C SER A 2 9.96 -8.32 3.56
N LYS A 3 10.21 -7.15 3.03
CA LYS A 3 9.89 -5.89 3.76
C LYS A 3 8.85 -5.12 2.92
N LYS A 4 8.26 -4.11 3.51
CA LYS A 4 7.24 -3.29 2.84
C LYS A 4 7.58 -1.85 3.20
N PRO A 5 7.01 -0.91 2.49
CA PRO A 5 7.04 0.52 2.88
C PRO A 5 6.07 0.72 4.06
N VAL A 6 6.17 -0.16 5.03
CA VAL A 6 5.29 -0.09 6.23
C VAL A 6 6.16 -0.53 7.43
N PRO A 7 5.89 0.00 8.60
CA PRO A 7 6.44 -0.52 9.88
C PRO A 7 5.73 -1.82 10.31
N ILE A 8 6.14 -2.34 11.43
CA ILE A 8 5.53 -3.60 11.97
C ILE A 8 4.70 -3.29 13.20
N ILE A 9 3.68 -4.06 13.43
CA ILE A 9 2.84 -3.84 14.62
C ILE A 9 3.42 -4.89 15.54
N TYR A 10 3.44 -4.49 16.76
CA TYR A 10 3.95 -5.34 17.83
C TYR A 10 2.85 -5.34 18.86
N CYS A 11 2.06 -6.38 18.88
CA CYS A 11 0.97 -6.43 19.87
C CYS A 11 1.27 -7.52 20.87
N ASN A 12 1.25 -7.10 22.09
CA ASN A 12 1.53 -8.02 23.20
C ASN A 12 0.19 -8.48 23.75
N ARG A 13 -0.48 -9.21 22.90
CA ARG A 13 -1.82 -9.80 23.22
C ARG A 13 -1.93 -10.16 24.71
N ARG A 14 -0.87 -10.80 25.15
CA ARG A 14 -0.72 -11.27 26.57
C ARG A 14 -1.22 -10.17 27.53
N THR A 15 -0.72 -8.98 27.34
CA THR A 15 -1.14 -7.85 28.21
C THR A 15 -1.81 -6.81 27.30
N GLY A 16 -2.54 -7.33 26.35
CA GLY A 16 -3.31 -6.54 25.32
C GLY A 16 -2.84 -5.13 25.15
N LYS A 17 -1.59 -5.02 24.78
CA LYS A 17 -1.01 -3.69 24.59
C LYS A 17 -0.20 -3.84 23.32
N CYS A 18 -0.50 -3.00 22.37
CA CYS A 18 0.21 -3.02 21.07
C CYS A 18 0.74 -1.63 20.72
N GLN A 19 1.61 -1.70 19.77
CA GLN A 19 2.31 -0.50 19.20
C GLN A 19 2.89 -0.82 17.83
N ARG A 20 3.60 0.12 17.28
CA ARG A 20 4.24 -0.01 15.99
C ARG A 20 5.70 -0.10 16.47
N MET A 21 6.36 -1.04 15.87
CA MET A 21 7.79 -1.38 16.13
C MET A 21 8.01 -1.47 17.66
N GLY A 1 5.35 -3.48 13.57
CA GLY A 1 5.37 -4.14 12.22
C GLY A 1 6.85 -4.38 11.89
N SER A 2 7.13 -4.92 10.73
CA SER A 2 8.54 -5.20 10.31
C SER A 2 8.79 -4.49 8.97
N LYS A 3 9.93 -4.77 8.38
CA LYS A 3 10.32 -4.16 7.06
C LYS A 3 10.65 -5.24 6.01
N LYS A 4 9.78 -6.20 5.89
CA LYS A 4 9.95 -7.33 4.92
C LYS A 4 8.63 -7.38 4.12
N PRO A 5 8.65 -8.06 3.00
CA PRO A 5 7.41 -8.35 2.21
C PRO A 5 6.51 -9.32 2.99
N VAL A 6 5.96 -8.82 4.07
CA VAL A 6 5.07 -9.63 4.94
C VAL A 6 3.63 -9.10 4.82
N PRO A 7 2.82 -9.79 4.05
CA PRO A 7 1.38 -9.48 3.93
C PRO A 7 0.63 -9.99 5.17
N ILE A 8 -0.68 -9.98 5.08
CA ILE A 8 -1.52 -10.45 6.22
C ILE A 8 -2.13 -11.82 6.04
N ILE A 9 -1.72 -12.75 6.87
CA ILE A 9 -2.31 -14.10 6.75
C ILE A 9 -3.59 -13.83 7.52
N TYR A 10 -4.58 -14.44 7.02
CA TYR A 10 -5.89 -14.30 7.63
C TYR A 10 -6.34 -15.73 7.72
N CYS A 11 -6.67 -16.15 8.90
CA CYS A 11 -7.13 -17.52 9.11
C CYS A 11 -8.44 -17.48 9.84
N ASN A 12 -9.37 -18.22 9.33
CA ASN A 12 -10.72 -18.29 9.94
C ASN A 12 -10.75 -19.56 10.74
N ARG A 13 -10.02 -19.51 11.83
CA ARG A 13 -9.93 -20.69 12.75
C ARG A 13 -11.27 -21.40 12.84
N ARG A 14 -12.31 -20.58 12.86
CA ARG A 14 -13.72 -21.06 12.93
C ARG A 14 -13.88 -22.23 11.92
N THR A 15 -13.54 -21.98 10.68
CA THR A 15 -13.64 -23.05 9.64
C THR A 15 -12.19 -23.34 9.22
N GLY A 16 -11.36 -23.33 10.24
CA GLY A 16 -9.88 -23.59 10.15
C GLY A 16 -9.35 -23.53 8.75
N LYS A 17 -9.54 -22.38 8.16
CA LYS A 17 -9.07 -22.19 6.79
C LYS A 17 -8.35 -20.86 6.76
N CYS A 18 -7.15 -20.90 6.28
CA CYS A 18 -6.32 -19.69 6.15
C CYS A 18 -6.12 -19.36 4.69
N GLN A 19 -5.97 -18.08 4.50
CA GLN A 19 -5.76 -17.47 3.18
C GLN A 19 -4.86 -16.26 3.49
N ARG A 20 -4.61 -15.51 2.48
CA ARG A 20 -3.80 -14.32 2.53
C ARG A 20 -4.97 -13.36 2.37
N MET A 21 -5.08 -12.45 3.29
CA MET A 21 -6.17 -11.43 3.33
C MET A 21 -7.49 -12.13 3.74
N GLY A 1 7.27 8.43 -2.79
CA GLY A 1 6.21 7.49 -2.27
C GLY A 1 5.85 8.02 -0.90
N SER A 2 5.58 9.29 -0.86
CA SER A 2 5.22 10.02 0.38
C SER A 2 3.76 10.47 0.36
N LYS A 3 2.88 9.51 0.31
CA LYS A 3 1.42 9.80 0.28
C LYS A 3 0.74 8.70 1.09
N LYS A 4 -0.55 8.84 1.28
CA LYS A 4 -1.30 7.81 2.05
C LYS A 4 -1.26 6.58 1.13
N PRO A 5 -0.84 5.43 1.63
CA PRO A 5 -0.58 4.22 0.80
C PRO A 5 -1.84 3.62 0.16
N VAL A 6 -2.35 4.31 -0.82
CA VAL A 6 -3.58 3.86 -1.54
C VAL A 6 -3.08 3.22 -2.86
N PRO A 7 -3.30 1.94 -3.03
CA PRO A 7 -3.25 1.24 -4.35
C PRO A 7 -4.22 1.82 -5.38
N ILE A 8 -4.38 1.12 -6.46
CA ILE A 8 -5.29 1.60 -7.51
C ILE A 8 -6.67 1.09 -7.20
N ILE A 9 -7.45 1.94 -6.58
CA ILE A 9 -8.81 1.48 -6.28
C ILE A 9 -9.36 1.45 -7.69
N TYR A 10 -9.92 0.32 -7.90
CA TYR A 10 -10.54 -0.06 -9.17
C TYR A 10 -12.02 -0.25 -8.92
N CYS A 11 -12.77 0.81 -9.05
CA CYS A 11 -14.21 0.68 -8.83
C CYS A 11 -15.01 0.44 -10.10
N ASN A 12 -15.93 -0.46 -9.93
CA ASN A 12 -16.85 -0.89 -11.01
C ASN A 12 -18.17 -0.27 -10.59
N ARG A 13 -18.10 1.03 -10.46
CA ARG A 13 -19.28 1.85 -10.07
C ARG A 13 -20.56 1.35 -10.74
N ARG A 14 -20.41 0.88 -11.95
CA ARG A 14 -21.58 0.35 -12.72
C ARG A 14 -22.39 -0.64 -11.89
N THR A 15 -21.70 -1.50 -11.20
CA THR A 15 -22.38 -2.52 -10.36
C THR A 15 -21.98 -2.17 -8.91
N GLY A 16 -21.64 -0.91 -8.79
CA GLY A 16 -21.21 -0.25 -7.51
C GLY A 16 -20.46 -1.25 -6.68
N LYS A 17 -19.50 -1.84 -7.34
CA LYS A 17 -18.67 -2.85 -6.69
C LYS A 17 -17.27 -2.34 -6.94
N CYS A 18 -16.54 -2.14 -5.90
CA CYS A 18 -15.15 -1.64 -6.04
C CYS A 18 -14.24 -2.55 -5.27
N GLN A 19 -13.00 -2.33 -5.53
CA GLN A 19 -11.93 -3.13 -4.87
C GLN A 19 -10.64 -2.47 -5.35
N ARG A 20 -9.52 -3.03 -5.00
CA ARG A 20 -8.22 -2.51 -5.39
C ARG A 20 -7.45 -3.36 -6.40
N MET A 21 -6.58 -2.63 -7.03
CA MET A 21 -5.67 -3.18 -8.07
C MET A 21 -4.26 -2.76 -7.59
N GLY A 1 11.75 -0.62 3.08
CA GLY A 1 10.50 -1.37 2.69
C GLY A 1 9.98 -0.58 1.52
N SER A 2 8.68 -0.39 1.42
CA SER A 2 8.04 0.39 0.30
C SER A 2 8.98 1.48 -0.25
N LYS A 3 9.54 2.21 0.66
CA LYS A 3 10.48 3.31 0.31
C LYS A 3 11.84 2.92 0.96
N LYS A 4 12.85 3.69 0.64
CA LYS A 4 14.23 3.44 1.19
C LYS A 4 14.31 4.03 2.61
N PRO A 5 15.08 3.40 3.47
CA PRO A 5 15.31 3.89 4.86
C PRO A 5 16.15 5.17 4.84
N VAL A 6 15.51 6.25 4.44
CA VAL A 6 16.21 7.56 4.39
C VAL A 6 15.69 8.39 5.58
N PRO A 7 16.55 8.70 6.51
CA PRO A 7 16.19 9.57 7.66
C PRO A 7 15.97 11.03 7.22
N ILE A 8 15.53 11.83 8.15
CA ILE A 8 15.28 13.27 7.86
C ILE A 8 16.51 14.04 8.24
N ILE A 9 16.83 15.06 7.48
CA ILE A 9 18.00 15.85 7.83
C ILE A 9 17.32 16.93 8.63
N TYR A 10 18.03 17.29 9.62
CA TYR A 10 17.56 18.32 10.55
C TYR A 10 18.70 19.31 10.62
N CYS A 11 18.50 20.41 9.96
CA CYS A 11 19.52 21.44 9.94
C CYS A 11 19.04 22.67 10.68
N ASN A 12 19.95 23.19 11.44
CA ASN A 12 19.69 24.39 12.25
C ASN A 12 20.44 25.47 11.49
N ARG A 13 19.96 25.71 10.29
CA ARG A 13 20.59 26.74 9.42
C ARG A 13 20.96 27.98 10.24
N ARG A 14 20.10 28.30 11.17
CA ARG A 14 20.32 29.49 12.05
C ARG A 14 21.77 29.54 12.53
N THR A 15 22.27 28.41 12.99
CA THR A 15 23.67 28.35 13.47
C THR A 15 24.38 27.31 12.60
N GLY A 16 23.97 27.30 11.36
CA GLY A 16 24.51 26.38 10.29
C GLY A 16 25.06 25.08 10.86
N LYS A 17 24.20 24.40 11.58
CA LYS A 17 24.55 23.11 12.21
C LYS A 17 23.50 22.10 11.87
N CYS A 18 23.89 21.09 11.16
CA CYS A 18 22.94 20.01 10.77
C CYS A 18 23.38 18.61 11.13
N GLN A 19 22.34 17.87 11.35
CA GLN A 19 22.40 16.42 11.74
C GLN A 19 21.20 15.68 11.12
N ARG A 20 20.94 14.49 11.60
CA ARG A 20 19.86 13.66 11.14
C ARG A 20 18.89 13.51 12.30
N MET A 21 17.65 13.47 11.90
CA MET A 21 16.45 13.32 12.80
C MET A 21 16.12 14.51 13.72
N GLY A 1 7.17 -6.06 -2.42
CA GLY A 1 7.06 -4.98 -3.45
C GLY A 1 7.06 -3.66 -2.69
N SER A 2 6.98 -2.54 -3.36
CA SER A 2 6.98 -1.22 -2.65
C SER A 2 5.63 -0.52 -2.91
N LYS A 3 5.59 0.76 -2.69
CA LYS A 3 4.33 1.57 -2.90
C LYS A 3 4.51 2.43 -4.17
N LYS A 4 3.43 2.78 -4.83
CA LYS A 4 3.48 3.61 -6.05
C LYS A 4 2.45 4.75 -6.00
N PRO A 5 2.65 5.78 -6.79
CA PRO A 5 1.61 6.82 -7.02
C PRO A 5 0.57 6.27 -8.01
N VAL A 6 -0.52 6.97 -8.20
CA VAL A 6 -1.58 6.49 -9.15
C VAL A 6 -1.86 7.52 -10.26
N PRO A 7 -1.09 7.45 -11.34
CA PRO A 7 -1.11 8.45 -12.45
C PRO A 7 -2.27 8.12 -13.41
N ILE A 8 -3.42 8.31 -12.83
CA ILE A 8 -4.72 8.07 -13.52
C ILE A 8 -4.73 8.46 -14.98
N ILE A 9 -5.37 7.67 -15.78
CA ILE A 9 -5.42 8.04 -17.21
C ILE A 9 -6.70 8.83 -17.23
N TYR A 10 -6.70 9.74 -18.12
CA TYR A 10 -7.86 10.60 -18.28
C TYR A 10 -8.17 10.50 -19.75
N CYS A 11 -9.24 9.84 -20.07
CA CYS A 11 -9.62 9.71 -21.49
C CYS A 11 -10.94 10.39 -21.73
N ASN A 12 -10.93 11.19 -22.75
CA ASN A 12 -12.14 11.93 -23.14
C ASN A 12 -12.61 11.19 -24.36
N ARG A 13 -13.10 10.02 -24.06
CA ARG A 13 -13.64 9.12 -25.12
C ARG A 13 -14.45 9.95 -26.12
N ARG A 14 -15.16 10.90 -25.56
CA ARG A 14 -16.01 11.83 -26.33
C ARG A 14 -15.21 12.35 -27.55
N THR A 15 -14.04 12.85 -27.30
CA THR A 15 -13.18 13.37 -28.40
C THR A 15 -11.97 12.44 -28.41
N GLY A 16 -12.29 11.18 -28.24
CA GLY A 16 -11.35 10.02 -28.20
C GLY A 16 -9.91 10.39 -28.04
N LYS A 17 -9.66 11.10 -26.97
CA LYS A 17 -8.29 11.53 -26.70
C LYS A 17 -8.04 11.30 -25.24
N CYS A 18 -6.98 10.61 -25.01
CA CYS A 18 -6.55 10.29 -23.63
C CYS A 18 -5.21 10.99 -23.37
N GLN A 19 -5.07 11.24 -22.11
CA GLN A 19 -3.90 11.90 -21.48
C GLN A 19 -3.92 11.34 -20.06
N ARG A 20 -3.20 11.91 -19.14
CA ARG A 20 -3.19 11.43 -17.78
C ARG A 20 -3.50 12.57 -16.82
N MET A 21 -3.88 12.15 -15.65
CA MET A 21 -4.24 13.06 -14.52
C MET A 21 -3.37 12.54 -13.35
N GLY A 1 6.55 3.83 2.97
CA GLY A 1 6.16 3.23 4.29
C GLY A 1 4.73 2.63 4.19
N SER A 2 4.63 1.41 3.73
CA SER A 2 3.32 0.66 3.57
C SER A 2 1.98 1.35 3.95
N LYS A 3 1.66 2.44 3.31
CA LYS A 3 0.38 3.18 3.59
C LYS A 3 -0.20 3.68 2.25
N LYS A 4 -1.22 3.05 1.75
CA LYS A 4 -1.85 3.46 0.46
C LYS A 4 -3.35 3.76 0.74
N PRO A 5 -3.61 4.97 1.20
CA PRO A 5 -4.98 5.44 1.60
C PRO A 5 -6.19 5.13 0.69
N VAL A 6 -6.62 3.90 0.60
CA VAL A 6 -7.80 3.57 -0.27
C VAL A 6 -8.91 3.08 0.70
N PRO A 7 -10.15 3.45 0.45
CA PRO A 7 -11.34 2.83 1.11
C PRO A 7 -11.69 1.52 0.37
N ILE A 8 -12.93 1.12 0.52
CA ILE A 8 -13.43 -0.11 -0.13
C ILE A 8 -14.40 0.31 -1.20
N ILE A 9 -14.48 -0.51 -2.20
CA ILE A 9 -15.42 -0.21 -3.28
C ILE A 9 -16.43 -1.28 -2.95
N TYR A 10 -17.60 -0.79 -3.11
CA TYR A 10 -18.80 -1.58 -2.84
C TYR A 10 -19.58 -1.58 -4.13
N CYS A 11 -19.37 -2.59 -4.92
CA CYS A 11 -20.10 -2.64 -6.19
C CYS A 11 -21.23 -3.64 -6.10
N ASN A 12 -22.35 -3.17 -6.54
CA ASN A 12 -23.59 -3.96 -6.56
C ASN A 12 -23.57 -4.48 -7.98
N ARG A 13 -22.96 -5.63 -8.11
CA ARG A 13 -22.86 -6.25 -9.45
C ARG A 13 -24.25 -6.60 -9.99
N ARG A 14 -25.10 -7.13 -9.16
CA ARG A 14 -26.47 -7.48 -9.67
C ARG A 14 -27.04 -6.28 -10.45
N THR A 15 -27.04 -5.13 -9.83
CA THR A 15 -27.57 -3.94 -10.54
C THR A 15 -26.39 -3.07 -10.94
N GLY A 16 -25.31 -3.71 -11.35
CA GLY A 16 -24.02 -3.05 -11.79
C GLY A 16 -23.92 -1.57 -11.46
N LYS A 17 -24.07 -1.30 -10.20
CA LYS A 17 -24.00 0.08 -9.67
C LYS A 17 -23.05 -0.04 -8.51
N CYS A 18 -22.02 0.73 -8.54
CA CYS A 18 -21.05 0.68 -7.44
C CYS A 18 -20.98 2.02 -6.74
N GLN A 19 -20.52 1.87 -5.54
CA GLN A 19 -20.33 3.01 -4.61
C GLN A 19 -19.15 2.63 -3.74
N ARG A 20 -18.82 3.43 -2.77
CA ARG A 20 -17.71 3.16 -1.87
C ARG A 20 -18.17 2.87 -0.46
N MET A 21 -17.29 2.21 0.23
CA MET A 21 -17.51 1.82 1.65
C MET A 21 -16.26 2.27 2.43
N GLY A 1 -0.10 3.99 5.02
CA GLY A 1 -1.22 4.23 4.06
C GLY A 1 -0.71 3.77 2.69
N SER A 2 -1.50 3.86 1.64
CA SER A 2 -1.00 3.41 0.29
C SER A 2 -0.97 4.60 -0.70
N LYS A 3 -0.26 5.63 -0.33
CA LYS A 3 -0.18 6.83 -1.22
C LYS A 3 1.03 6.44 -2.09
N LYS A 4 1.12 6.97 -3.27
CA LYS A 4 2.23 6.64 -4.17
C LYS A 4 3.03 7.93 -4.36
N PRO A 5 4.31 7.80 -4.68
CA PRO A 5 5.20 8.99 -4.92
C PRO A 5 4.57 9.85 -6.03
N VAL A 6 3.96 9.13 -6.93
CA VAL A 6 3.27 9.74 -8.09
C VAL A 6 1.76 9.59 -7.78
N PRO A 7 1.10 10.72 -7.67
CA PRO A 7 -0.34 10.85 -7.97
C PRO A 7 -0.53 11.34 -9.41
N ILE A 8 -1.66 11.00 -9.98
CA ILE A 8 -1.93 11.43 -11.38
C ILE A 8 -1.86 12.92 -11.60
N ILE A 9 -1.07 13.32 -12.56
CA ILE A 9 -0.97 14.76 -12.86
C ILE A 9 -2.14 14.82 -13.81
N TYR A 10 -2.83 15.86 -13.62
CA TYR A 10 -4.02 16.14 -14.41
C TYR A 10 -3.74 17.51 -14.93
N CYS A 11 -3.50 17.59 -16.21
CA CYS A 11 -3.23 18.91 -16.78
C CYS A 11 -4.43 19.32 -17.60
N ASN A 12 -4.82 20.53 -17.32
CA ASN A 12 -5.98 21.17 -17.99
C ASN A 12 -5.30 22.05 -19.02
N ARG A 13 -4.52 21.33 -19.76
CA ARG A 13 -3.68 21.85 -20.88
C ARG A 13 -4.44 22.90 -21.69
N ARG A 14 -5.70 22.62 -21.90
CA ARG A 14 -6.57 23.56 -22.67
C ARG A 14 -6.42 24.99 -22.10
N THR A 15 -6.38 25.08 -20.81
CA THR A 15 -6.23 26.39 -20.12
C THR A 15 -4.82 26.45 -19.48
N GLY A 16 -3.98 25.59 -19.99
CA GLY A 16 -2.57 25.46 -19.55
C GLY A 16 -2.43 25.55 -18.04
N LYS A 17 -3.28 24.81 -17.38
CA LYS A 17 -3.26 24.80 -15.90
C LYS A 17 -3.28 23.34 -15.53
N CYS A 18 -2.26 22.92 -14.86
CA CYS A 18 -2.17 21.51 -14.43
C CYS A 18 -2.02 21.48 -12.94
N GLN A 19 -2.30 20.32 -12.44
CA GLN A 19 -2.24 20.03 -10.99
C GLN A 19 -2.33 18.52 -10.77
N ARG A 20 -2.50 18.08 -9.55
CA ARG A 20 -2.61 16.67 -9.26
C ARG A 20 -4.10 16.40 -9.16
N MET A 21 -4.45 15.33 -9.81
CA MET A 21 -5.85 14.84 -9.90
C MET A 21 -6.78 15.85 -10.63
N GLY A 1 4.56 1.86 6.66
CA GLY A 1 4.61 0.80 5.61
C GLY A 1 4.19 -0.50 6.30
N SER A 2 4.30 -1.62 5.63
CA SER A 2 3.91 -2.95 6.25
C SER A 2 5.14 -3.86 6.24
N LYS A 3 5.58 -4.23 5.06
CA LYS A 3 6.77 -5.12 4.91
C LYS A 3 7.84 -4.33 4.15
N LYS A 4 9.06 -4.80 4.11
CA LYS A 4 10.13 -4.06 3.37
C LYS A 4 10.75 -5.09 2.41
N PRO A 5 10.97 -4.74 1.16
CA PRO A 5 11.58 -5.67 0.16
C PRO A 5 13.07 -5.92 0.45
N VAL A 6 13.32 -6.51 1.59
CA VAL A 6 14.71 -6.83 2.02
C VAL A 6 14.56 -8.27 2.52
N PRO A 7 15.58 -9.07 2.40
CA PRO A 7 15.56 -10.44 2.98
C PRO A 7 15.68 -10.34 4.52
N ILE A 8 14.72 -10.89 5.22
CA ILE A 8 14.76 -10.84 6.71
C ILE A 8 16.07 -11.33 7.27
N ILE A 9 16.56 -10.62 8.25
CA ILE A 9 17.82 -11.06 8.87
C ILE A 9 17.22 -11.82 10.03
N TYR A 10 17.83 -12.91 10.20
CA TYR A 10 17.42 -13.82 11.28
C TYR A 10 18.64 -13.97 12.12
N CYS A 11 18.76 -13.20 13.17
CA CYS A 11 19.95 -13.36 14.00
C CYS A 11 19.63 -14.19 15.21
N ASN A 12 20.46 -15.16 15.37
CA ASN A 12 20.33 -16.10 16.50
C ASN A 12 21.34 -15.60 17.50
N ARG A 13 21.09 -14.38 17.91
CA ARG A 13 21.99 -13.73 18.92
C ARG A 13 22.30 -14.74 20.04
N ARG A 14 21.32 -15.57 20.31
CA ARG A 14 21.46 -16.62 21.37
C ARG A 14 22.81 -17.33 21.22
N THR A 15 23.09 -17.77 20.02
CA THR A 15 24.38 -18.48 19.75
C THR A 15 25.17 -17.56 18.80
N GLY A 16 24.98 -16.30 19.07
CA GLY A 16 25.61 -15.15 18.32
C GLY A 16 25.89 -15.48 16.89
N LYS A 17 24.88 -15.97 16.25
CA LYS A 17 25.04 -16.33 14.83
C LYS A 17 23.83 -15.84 14.10
N CYS A 18 24.09 -15.00 13.15
CA CYS A 18 22.98 -14.45 12.35
C CYS A 18 23.15 -14.89 10.92
N GLN A 19 21.99 -14.98 10.36
CA GLN A 19 21.80 -15.39 8.94
C GLN A 19 20.61 -14.64 8.38
N ARG A 20 20.14 -15.09 7.25
CA ARG A 20 19.01 -14.52 6.56
C ARG A 20 17.89 -15.54 6.50
N MET A 21 16.71 -15.01 6.58
CA MET A 21 15.39 -15.72 6.55
C MET A 21 14.87 -16.11 7.94
N GLY A 1 7.97 1.75 5.64
CA GLY A 1 6.58 2.22 5.32
C GLY A 1 6.43 3.57 6.02
N SER A 2 5.29 4.23 5.90
CA SER A 2 5.14 5.56 6.59
C SER A 2 4.01 5.58 7.62
N LYS A 3 2.76 5.64 7.21
CA LYS A 3 1.67 5.66 8.25
C LYS A 3 1.85 4.60 9.35
N LYS A 4 1.49 4.96 10.55
CA LYS A 4 1.61 4.05 11.72
C LYS A 4 0.25 3.78 12.38
N PRO A 5 0.17 2.70 13.13
CA PRO A 5 -1.06 2.33 13.89
C PRO A 5 -1.38 3.37 14.97
N VAL A 6 -1.86 4.49 14.54
CA VAL A 6 -2.23 5.61 15.47
C VAL A 6 -3.74 5.82 15.40
N PRO A 7 -4.48 5.27 16.34
CA PRO A 7 -5.95 5.43 16.35
C PRO A 7 -6.32 6.85 16.78
N ILE A 8 -7.45 7.29 16.27
CA ILE A 8 -7.99 8.66 16.58
C ILE A 8 -7.94 8.94 18.05
N ILE A 9 -7.78 10.16 18.45
CA ILE A 9 -7.76 10.43 19.90
C ILE A 9 -9.19 10.87 20.06
N TYR A 10 -9.70 10.32 21.10
CA TYR A 10 -11.08 10.53 21.52
C TYR A 10 -11.00 11.01 22.94
N CYS A 11 -11.12 12.31 23.09
CA CYS A 11 -11.05 12.87 24.45
C CYS A 11 -12.42 13.30 24.95
N ASN A 12 -12.67 12.81 26.12
CA ASN A 12 -13.94 13.07 26.83
C ASN A 12 -13.72 14.28 27.72
N ARG A 13 -13.25 15.33 27.09
CA ARG A 13 -12.95 16.63 27.78
C ARG A 13 -13.85 16.86 29.03
N ARG A 14 -15.12 16.65 28.79
CA ARG A 14 -16.19 16.79 29.84
C ARG A 14 -15.75 16.12 31.15
N THR A 15 -15.34 14.89 31.05
CA THR A 15 -14.90 14.12 32.24
C THR A 15 -13.38 13.92 32.08
N GLY A 16 -12.80 14.95 31.51
CA GLY A 16 -11.36 15.09 31.20
C GLY A 16 -10.59 13.80 31.16
N LYS A 17 -11.09 12.90 30.36
CA LYS A 17 -10.40 11.59 30.24
C LYS A 17 -10.43 11.30 28.76
N CYS A 18 -9.27 11.09 28.22
CA CYS A 18 -9.17 10.79 26.79
C CYS A 18 -8.62 9.39 26.64
N GLN A 19 -8.96 8.90 25.50
CA GLN A 19 -8.59 7.53 25.02
C GLN A 19 -8.46 7.68 23.50
N ARG A 20 -8.37 6.60 22.77
CA ARG A 20 -8.26 6.64 21.33
C ARG A 20 -9.35 5.75 20.73
N MET A 21 -9.81 6.23 19.60
CA MET A 21 -10.86 5.67 18.70
C MET A 21 -12.17 6.44 18.91
N GLY A 1 5.45 5.86 -3.34
CA GLY A 1 6.26 5.33 -2.19
C GLY A 1 5.20 4.66 -1.36
N SER A 2 4.67 3.59 -1.89
CA SER A 2 3.59 2.86 -1.15
C SER A 2 3.93 1.40 -0.89
N LYS A 3 4.16 0.65 -1.95
CA LYS A 3 4.50 -0.80 -1.81
C LYS A 3 5.84 -1.00 -2.55
N LYS A 4 6.47 -2.12 -2.35
CA LYS A 4 7.76 -2.41 -3.02
C LYS A 4 7.57 -3.68 -3.85
N PRO A 5 8.32 -3.83 -4.92
CA PRO A 5 8.25 -5.01 -5.80
C PRO A 5 8.79 -6.25 -5.09
N VAL A 6 7.96 -6.87 -4.28
CA VAL A 6 8.40 -8.10 -3.54
C VAL A 6 7.94 -9.31 -4.39
N PRO A 7 8.87 -10.00 -5.00
CA PRO A 7 8.56 -11.15 -5.90
C PRO A 7 8.09 -12.43 -5.18
N ILE A 8 7.26 -13.18 -5.88
CA ILE A 8 6.75 -14.45 -5.31
C ILE A 8 7.87 -15.37 -4.92
N ILE A 9 7.76 -16.00 -3.79
CA ILE A 9 8.81 -16.94 -3.38
C ILE A 9 8.18 -18.19 -3.92
N TYR A 10 9.07 -18.96 -4.42
CA TYR A 10 8.72 -20.25 -5.03
C TYR A 10 9.47 -21.30 -4.26
N CYS A 11 8.82 -21.91 -3.30
CA CYS A 11 9.50 -22.94 -2.53
C CYS A 11 9.04 -24.35 -2.85
N ASN A 12 10.04 -25.16 -2.99
CA ASN A 12 9.86 -26.58 -3.30
C ASN A 12 10.10 -27.15 -1.92
N ARG A 13 9.09 -26.99 -1.10
CA ARG A 13 9.21 -27.50 0.29
C ARG A 13 9.48 -28.99 0.27
N ARG A 14 8.90 -29.68 -0.68
CA ARG A 14 9.13 -31.15 -0.74
C ARG A 14 10.64 -31.41 -0.72
N THR A 15 11.42 -30.69 -1.49
CA THR A 15 12.89 -30.95 -1.44
C THR A 15 13.53 -29.72 -0.77
N GLY A 16 12.79 -29.12 0.14
CA GLY A 16 13.20 -27.91 0.93
C GLY A 16 14.19 -27.03 0.18
N LYS A 17 13.80 -26.71 -1.01
CA LYS A 17 14.63 -25.86 -1.92
C LYS A 17 13.72 -24.76 -2.43
N CYS A 18 14.06 -23.56 -2.10
CA CYS A 18 13.23 -22.41 -2.56
C CYS A 18 14.03 -21.41 -3.36
N GLN A 19 13.28 -20.85 -4.24
CA GLN A 19 13.73 -19.81 -5.22
C GLN A 19 12.65 -18.71 -5.29
N ARG A 20 12.70 -17.88 -6.29
CA ARG A 20 11.74 -16.81 -6.49
C ARG A 20 11.12 -17.05 -7.86
N MET A 21 9.89 -16.64 -7.92
CA MET A 21 8.95 -16.72 -9.07
C MET A 21 8.27 -18.09 -9.06
N GLY A 1 9.04 2.20 1.29
CA GLY A 1 8.37 3.37 0.61
C GLY A 1 8.42 3.17 -0.91
N SER A 2 7.46 2.49 -1.49
CA SER A 2 7.49 2.29 -2.99
C SER A 2 6.22 2.93 -3.55
N LYS A 3 5.08 2.41 -3.18
CA LYS A 3 3.78 2.97 -3.69
C LYS A 3 2.77 2.90 -2.55
N LYS A 4 1.62 3.44 -2.78
CA LYS A 4 0.53 3.44 -1.77
C LYS A 4 -0.50 2.49 -2.40
N PRO A 5 -0.52 1.25 -1.99
CA PRO A 5 -1.25 0.19 -2.74
C PRO A 5 -2.77 0.44 -2.67
N VAL A 6 -3.54 -0.35 -3.38
CA VAL A 6 -5.02 -0.19 -3.38
C VAL A 6 -5.64 -1.47 -2.79
N PRO A 7 -6.31 -1.35 -1.66
CA PRO A 7 -7.29 -2.37 -1.19
C PRO A 7 -8.46 -2.48 -2.17
N ILE A 8 -9.26 -3.50 -2.02
CA ILE A 8 -10.40 -3.65 -2.96
C ILE A 8 -11.51 -2.71 -2.56
N ILE A 9 -11.58 -1.60 -3.24
CA ILE A 9 -12.66 -0.67 -2.91
C ILE A 9 -13.83 -1.47 -3.45
N TYR A 10 -14.82 -1.38 -2.66
CA TYR A 10 -16.09 -2.08 -2.91
C TYR A 10 -17.15 -1.00 -2.93
N CYS A 11 -17.41 -0.41 -4.07
CA CYS A 11 -18.44 0.64 -4.11
C CYS A 11 -19.72 0.20 -4.76
N ASN A 12 -20.78 0.51 -4.08
CA ASN A 12 -22.11 0.16 -4.57
C ASN A 12 -22.77 1.43 -5.08
N ARG A 13 -22.12 1.95 -6.09
CA ARG A 13 -22.58 3.20 -6.77
C ARG A 13 -24.13 3.24 -6.79
N ARG A 14 -24.66 2.08 -7.05
CA ARG A 14 -26.13 1.84 -7.12
C ARG A 14 -26.86 2.58 -6.00
N THR A 15 -26.39 2.35 -4.81
CA THR A 15 -26.99 2.98 -3.60
C THR A 15 -25.88 3.83 -2.98
N GLY A 16 -25.09 4.39 -3.87
CA GLY A 16 -23.93 5.27 -3.58
C GLY A 16 -23.32 5.05 -2.22
N LYS A 17 -22.97 3.80 -1.99
CA LYS A 17 -22.37 3.44 -0.70
C LYS A 17 -21.21 2.51 -1.00
N CYS A 18 -20.06 2.91 -0.56
CA CYS A 18 -18.81 2.12 -0.77
C CYS A 18 -18.11 1.79 0.55
N GLN A 19 -17.31 0.78 0.42
CA GLN A 19 -16.48 0.24 1.54
C GLN A 19 -15.14 -0.28 1.04
N ARG A 20 -14.36 -0.80 1.95
CA ARG A 20 -13.05 -1.34 1.67
C ARG A 20 -12.95 -2.82 1.98
N MET A 21 -12.43 -3.46 1.00
CA MET A 21 -12.17 -4.94 1.01
C MET A 21 -10.69 -5.11 0.56
N GLY A 1 1.47 16.62 -7.70
CA GLY A 1 0.41 16.16 -6.75
C GLY A 1 -0.21 15.04 -7.55
N SER A 2 0.62 14.07 -7.78
CA SER A 2 0.20 12.87 -8.57
C SER A 2 0.55 11.64 -7.73
N LYS A 3 0.44 10.47 -8.31
CA LYS A 3 0.76 9.22 -7.59
C LYS A 3 2.02 8.68 -8.28
N LYS A 4 2.49 7.52 -7.91
CA LYS A 4 3.72 6.98 -8.57
C LYS A 4 3.22 6.18 -9.78
N PRO A 5 3.78 6.41 -10.95
CA PRO A 5 3.29 5.76 -12.19
C PRO A 5 3.57 4.24 -12.16
N VAL A 6 2.93 3.54 -13.07
CA VAL A 6 3.11 2.06 -13.13
C VAL A 6 3.65 1.74 -14.55
N PRO A 7 4.44 0.70 -14.67
CA PRO A 7 4.84 0.14 -16.00
C PRO A 7 3.71 -0.63 -16.70
N ILE A 8 3.78 -0.59 -18.02
CA ILE A 8 2.76 -1.29 -18.85
C ILE A 8 2.52 -2.71 -18.45
N ILE A 9 1.27 -3.07 -18.34
CA ILE A 9 0.97 -4.45 -17.98
C ILE A 9 0.71 -4.97 -19.37
N TYR A 10 1.20 -6.15 -19.50
CA TYR A 10 1.09 -6.86 -20.77
C TYR A 10 0.28 -8.06 -20.39
N CYS A 11 -1.00 -8.01 -20.64
CA CYS A 11 -1.81 -9.18 -20.28
C CYS A 11 -2.22 -9.94 -21.51
N ASN A 12 -2.00 -11.21 -21.35
CA ASN A 12 -2.32 -12.17 -22.40
C ASN A 12 -3.55 -12.79 -21.79
N ARG A 13 -4.55 -11.95 -21.77
CA ARG A 13 -5.87 -12.37 -21.21
C ARG A 13 -6.26 -13.67 -21.89
N ARG A 14 -5.81 -13.76 -23.12
CA ARG A 14 -6.06 -14.94 -23.98
C ARG A 14 -5.79 -16.21 -23.16
N THR A 15 -4.64 -16.25 -22.54
CA THR A 15 -4.28 -17.42 -21.70
C THR A 15 -4.19 -16.91 -20.26
N GLY A 16 -5.04 -15.96 -20.00
CA GLY A 16 -5.18 -15.27 -18.67
C GLY A 16 -3.89 -15.23 -17.92
N LYS A 17 -2.88 -14.76 -18.59
CA LYS A 17 -1.56 -14.67 -17.96
C LYS A 17 -1.06 -13.28 -18.31
N CYS A 18 -0.80 -12.53 -17.29
CA CYS A 18 -0.30 -11.15 -17.45
C CYS A 18 1.13 -11.07 -16.94
N GLN A 19 1.79 -10.09 -17.46
CA GLN A 19 3.21 -9.80 -17.11
C GLN A 19 3.38 -8.30 -17.39
N ARG A 20 4.58 -7.80 -17.47
CA ARG A 20 4.82 -6.38 -17.73
C ARG A 20 5.60 -6.16 -19.01
N MET A 21 5.31 -5.01 -19.56
CA MET A 21 5.85 -4.41 -20.82
C MET A 21 5.11 -4.89 -22.07
#